data_8IBO
#
_entry.id   8IBO
#
_cell.length_a   47.431
_cell.length_b   58.468
_cell.length_c   64.763
_cell.angle_alpha   90.00
_cell.angle_beta   90.00
_cell.angle_gamma   90.00
#
_symmetry.space_group_name_H-M   'P 21 21 21'
#
loop_
_entity.id
_entity.type
_entity.pdbx_description
1 polymer 'Negative regulator of genetic competence ClpC/mecB'
2 polymer Lassomycin
3 non-polymer 'ACETATE ION'
4 water water
#
loop_
_entity_poly.entity_id
_entity_poly.type
_entity_poly.pdbx_seq_one_letter_code
_entity_poly.pdbx_strand_id
1 'polypeptide(L)'
;MFERFTDRARRVVVLAQEEARMLNHNYIGTEHILLGLIHEGEGVAAKSLESLGISLEGVRSQVEEIIGQGQQAPSGHIPF
TPRAKKVLELSLREALQLGHNYIGTEHILLGLIREGEGVAAQVLVKLGAELTRVRQQVIQLL
;
A
2 'polypeptide(L)' GLRRLFADQLVGRRN(ILM) C
#
loop_
_chem_comp.id
_chem_comp.type
_chem_comp.name
_chem_comp.formula
ACT non-polymer 'ACETATE ION' 'C2 H3 O2 -1'
#
# COMPACT_ATOMS: atom_id res chain seq x y z
N MET A 1 6.55 0.99 -13.90
CA MET A 1 5.38 1.78 -13.39
C MET A 1 5.78 2.82 -12.32
N PHE A 2 6.81 2.49 -11.51
CA PHE A 2 7.38 3.42 -10.53
C PHE A 2 7.75 4.83 -11.10
N GLU A 3 8.04 4.90 -12.39
CA GLU A 3 8.42 6.15 -13.03
C GLU A 3 7.29 7.19 -12.95
N ARG A 4 6.06 6.73 -12.72
CA ARG A 4 4.89 7.58 -12.69
C ARG A 4 4.52 8.02 -11.24
N PHE A 5 5.23 7.50 -10.25
CA PHE A 5 4.88 7.82 -8.88
C PHE A 5 5.47 9.15 -8.47
N THR A 6 4.73 9.88 -7.62
CA THR A 6 5.31 11.05 -6.95
C THR A 6 6.38 10.52 -6.02
N ASP A 7 7.30 11.40 -5.62
CA ASP A 7 8.33 11.05 -4.63
C ASP A 7 7.72 10.46 -3.37
N ARG A 8 6.61 11.06 -2.89
CA ARG A 8 5.95 10.55 -1.65
C ARG A 8 5.23 9.22 -1.84
N ALA A 9 4.69 9.01 -3.05
CA ALA A 9 4.08 7.72 -3.39
C ALA A 9 5.14 6.64 -3.42
N ARG A 10 6.31 6.98 -3.94
CA ARG A 10 7.47 6.11 -3.93
C ARG A 10 7.82 5.76 -2.51
N ARG A 11 7.82 6.77 -1.61
CA ARG A 11 8.10 6.57 -0.18
C ARG A 11 7.10 5.60 0.45
N VAL A 12 5.83 5.72 0.10
CA VAL A 12 4.84 4.79 0.57
C VAL A 12 5.25 3.32 0.32
N VAL A 13 5.63 2.99 -0.92
N VAL A 13 5.66 3.04 -0.93
CA VAL A 13 5.91 1.58 -1.27
CA VAL A 13 5.96 1.67 -1.36
C VAL A 13 7.26 1.12 -0.70
C VAL A 13 7.23 1.16 -0.70
N VAL A 14 8.23 2.05 -0.57
CA VAL A 14 9.48 1.73 0.13
C VAL A 14 9.22 1.38 1.60
N LEU A 15 8.37 2.16 2.26
CA LEU A 15 7.99 1.91 3.64
C LEU A 15 7.14 0.65 3.80
N ALA A 16 6.30 0.36 2.81
CA ALA A 16 5.55 -0.87 2.79
C ALA A 16 6.48 -2.07 2.83
N GLN A 17 7.51 -2.06 2.00
CA GLN A 17 8.51 -3.14 2.00
C GLN A 17 9.22 -3.25 3.37
N GLU A 18 9.61 -2.08 3.94
CA GLU A 18 10.27 -2.04 5.24
C GLU A 18 9.40 -2.68 6.34
N GLU A 19 8.09 -2.43 6.27
CA GLU A 19 7.18 -2.95 7.24
C GLU A 19 7.05 -4.48 7.09
N ALA A 20 6.92 -4.96 5.84
CA ALA A 20 6.90 -6.39 5.57
C ALA A 20 8.16 -7.02 6.14
N ARG A 21 9.32 -6.40 5.88
CA ARG A 21 10.59 -6.91 6.42
C ARG A 21 10.60 -7.03 7.94
N MET A 22 10.12 -5.99 8.64
CA MET A 22 10.03 -5.94 10.10
C MET A 22 9.14 -7.04 10.68
N LEU A 23 8.07 -7.37 9.95
CA LEU A 23 7.14 -8.45 10.33
C LEU A 23 7.57 -9.86 9.92
N ASN A 24 8.75 -9.98 9.29
CA ASN A 24 9.26 -11.25 8.71
C ASN A 24 8.23 -11.86 7.74
N HIS A 25 7.63 -10.99 6.94
CA HIS A 25 6.70 -11.39 5.91
C HIS A 25 7.45 -11.60 4.57
N ASN A 26 6.92 -12.50 3.73
CA ASN A 26 7.55 -12.93 2.52
C ASN A 26 7.03 -12.24 1.28
N TYR A 27 5.94 -11.47 1.45
CA TYR A 27 5.34 -10.68 0.36
C TYR A 27 4.97 -9.32 0.91
N ILE A 28 4.97 -8.33 0.02
CA ILE A 28 4.38 -7.06 0.27
C ILE A 28 2.90 -7.15 -0.14
N GLY A 29 2.01 -7.17 0.85
CA GLY A 29 0.60 -7.31 0.61
C GLY A 29 -0.05 -5.93 0.66
N THR A 30 -1.35 -5.89 0.39
CA THR A 30 -2.11 -4.64 0.42
C THR A 30 -2.02 -4.05 1.86
N GLU A 31 -1.95 -4.93 2.88
CA GLU A 31 -1.85 -4.44 4.25
C GLU A 31 -0.56 -3.69 4.52
N HIS A 32 0.51 -4.07 3.82
CA HIS A 32 1.79 -3.38 3.96
C HIS A 32 1.71 -2.04 3.25
N ILE A 33 0.96 -2.00 2.14
CA ILE A 33 0.78 -0.77 1.40
C ILE A 33 0.04 0.22 2.33
N LEU A 34 -0.99 -0.28 3.02
CA LEU A 34 -1.76 0.50 4.02
C LEU A 34 -0.84 1.08 5.11
N LEU A 35 0.00 0.20 5.68
CA LEU A 35 1.02 0.62 6.65
C LEU A 35 1.95 1.69 6.11
N GLY A 36 2.38 1.52 4.85
CA GLY A 36 3.24 2.47 4.20
C GLY A 36 2.53 3.82 3.98
N LEU A 37 1.23 3.79 3.65
CA LEU A 37 0.49 5.03 3.46
C LEU A 37 0.42 5.81 4.79
N ILE A 38 0.33 5.10 5.91
CA ILE A 38 0.31 5.75 7.21
C ILE A 38 1.72 6.26 7.59
N HIS A 39 2.71 5.40 7.46
CA HIS A 39 4.09 5.75 7.76
C HIS A 39 4.53 7.01 7.00
N GLU A 40 4.10 7.17 5.75
CA GLU A 40 4.55 8.30 4.93
C GLU A 40 4.17 9.60 5.60
N GLY A 41 3.03 9.60 6.30
CA GLY A 41 2.74 10.61 7.30
C GLY A 41 2.25 11.95 6.83
N GLU A 42 2.64 12.39 5.62
CA GLU A 42 2.34 13.76 5.16
C GLU A 42 1.29 13.91 4.04
N GLY A 43 1.10 12.84 3.28
CA GLY A 43 0.31 12.85 2.06
C GLY A 43 -1.17 12.87 2.37
N VAL A 44 -1.97 13.06 1.33
CA VAL A 44 -3.39 13.04 1.45
C VAL A 44 -3.88 11.70 2.04
N ALA A 45 -3.24 10.60 1.65
CA ALA A 45 -3.65 9.30 2.21
C ALA A 45 -3.46 9.25 3.73
N ALA A 46 -2.25 9.60 4.19
CA ALA A 46 -1.96 9.59 5.61
C ALA A 46 -2.97 10.45 6.35
N LYS A 47 -3.22 11.65 5.82
CA LYS A 47 -4.11 12.62 6.48
C LYS A 47 -5.55 12.10 6.51
N SER A 48 -5.99 11.48 5.41
CA SER A 48 -7.33 10.90 5.34
C SER A 48 -7.48 9.82 6.40
N LEU A 49 -6.49 8.92 6.47
CA LEU A 49 -6.53 7.83 7.43
C LEU A 49 -6.46 8.34 8.84
N GLU A 50 -5.57 9.31 9.10
CA GLU A 50 -5.50 9.93 10.41
C GLU A 50 -6.85 10.55 10.80
N SER A 51 -7.49 11.24 9.86
CA SER A 51 -8.76 11.90 10.15
C SER A 51 -9.94 10.92 10.29
N LEU A 52 -9.81 9.71 9.72
CA LEU A 52 -10.82 8.66 9.93
C LEU A 52 -10.49 7.75 11.09
N GLY A 53 -9.56 8.17 11.96
CA GLY A 53 -9.09 7.41 13.10
C GLY A 53 -8.37 6.07 12.87
N ILE A 54 -7.74 5.91 11.70
CA ILE A 54 -7.04 4.68 11.35
C ILE A 54 -5.54 4.87 11.68
N SER A 55 -5.05 4.22 12.74
CA SER A 55 -3.70 4.42 13.25
C SER A 55 -2.71 3.34 12.82
N LEU A 56 -1.42 3.66 12.81
CA LEU A 56 -0.37 2.71 12.53
C LEU A 56 -0.53 1.51 13.49
N GLU A 57 -0.78 1.81 14.78
CA GLU A 57 -0.86 0.76 15.82
C GLU A 57 -2.08 -0.16 15.59
N GLY A 58 -3.20 0.43 15.18
CA GLY A 58 -4.44 -0.29 14.91
C GLY A 58 -4.27 -1.27 13.77
N VAL A 59 -3.67 -0.79 12.69
CA VAL A 59 -3.37 -1.61 11.51
C VAL A 59 -2.36 -2.72 11.87
N ARG A 60 -1.28 -2.36 12.53
CA ARG A 60 -0.27 -3.36 12.94
C ARG A 60 -0.87 -4.45 13.77
N SER A 61 -1.70 -4.08 14.75
CA SER A 61 -2.31 -5.08 15.62
C SER A 61 -3.26 -6.00 14.86
N GLN A 62 -4.05 -5.46 13.92
CA GLN A 62 -4.90 -6.29 13.06
C GLN A 62 -4.09 -7.25 12.19
N VAL A 63 -2.99 -6.75 11.58
CA VAL A 63 -2.10 -7.59 10.75
C VAL A 63 -1.48 -8.70 11.57
N GLU A 64 -1.11 -8.40 12.82
CA GLU A 64 -0.54 -9.41 13.71
C GLU A 64 -1.56 -10.51 14.00
N GLU A 65 -2.82 -10.11 14.22
CA GLU A 65 -3.93 -11.03 14.47
C GLU A 65 -4.22 -11.93 13.26
N ILE A 66 -4.34 -11.31 12.08
CA ILE A 66 -4.81 -11.95 10.85
C ILE A 66 -3.72 -12.79 10.22
N ILE A 67 -2.50 -12.23 10.16
CA ILE A 67 -1.37 -12.84 9.44
C ILE A 67 -0.35 -13.42 10.41
N GLY A 68 0.07 -12.61 11.38
CA GLY A 68 1.09 -13.00 12.34
C GLY A 68 2.50 -12.74 11.85
N GLN A 69 3.41 -12.52 12.81
CA GLN A 69 4.83 -12.37 12.59
C GLN A 69 5.41 -13.67 12.04
N GLY A 70 6.27 -13.56 11.04
CA GLY A 70 6.98 -14.70 10.51
C GLY A 70 8.18 -15.01 11.40
N GLN A 71 8.74 -16.19 11.23
CA GLN A 71 9.81 -16.64 12.10
C GLN A 71 11.17 -16.15 11.67
N GLN A 72 11.41 -16.09 10.34
CA GLN A 72 12.75 -15.82 9.83
C GLN A 72 12.77 -14.57 9.00
N ALA A 73 13.81 -13.76 9.20
CA ALA A 73 13.97 -12.48 8.50
C ALA A 73 14.05 -12.72 6.99
N PRO A 74 13.21 -12.06 6.16
CA PRO A 74 13.22 -12.33 4.71
C PRO A 74 14.38 -11.58 4.03
N SER A 75 14.56 -11.80 2.71
CA SER A 75 15.60 -11.14 1.93
C SER A 75 15.41 -9.63 1.89
N GLY A 76 16.38 -8.94 1.28
CA GLY A 76 16.32 -7.52 1.08
C GLY A 76 15.04 -7.07 0.41
N HIS A 77 14.78 -7.61 -0.80
CA HIS A 77 13.67 -7.13 -1.59
C HIS A 77 12.59 -8.22 -1.61
N ILE A 78 11.35 -7.81 -1.35
CA ILE A 78 10.24 -8.68 -1.07
C ILE A 78 9.24 -8.48 -2.21
N PRO A 79 8.71 -9.54 -2.83
CA PRO A 79 7.79 -9.38 -3.94
C PRO A 79 6.41 -9.01 -3.48
N PHE A 80 5.67 -8.30 -4.35
CA PHE A 80 4.29 -7.98 -4.06
C PHE A 80 3.40 -9.23 -4.16
N THR A 81 2.37 -9.31 -3.33
CA THR A 81 1.28 -10.24 -3.60
C THR A 81 0.57 -9.88 -4.91
N PRO A 82 -0.06 -10.83 -5.61
CA PRO A 82 -0.96 -10.50 -6.72
C PRO A 82 -1.99 -9.41 -6.39
N ARG A 83 -2.63 -9.46 -5.20
CA ARG A 83 -3.59 -8.39 -4.88
C ARG A 83 -2.92 -7.03 -4.77
N ALA A 84 -1.72 -6.97 -4.19
CA ALA A 84 -1.00 -5.70 -4.12
C ALA A 84 -0.61 -5.16 -5.48
N LYS A 85 -0.20 -6.04 -6.39
CA LYS A 85 0.09 -5.67 -7.78
CA LYS A 85 0.08 -5.64 -7.78
C LYS A 85 -1.18 -5.10 -8.43
N LYS A 86 -2.31 -5.75 -8.20
CA LYS A 86 -3.59 -5.26 -8.71
C LYS A 86 -3.93 -3.86 -8.14
N VAL A 87 -3.72 -3.65 -6.83
CA VAL A 87 -3.89 -2.34 -6.24
C VAL A 87 -3.01 -1.26 -6.94
N LEU A 88 -1.74 -1.58 -7.24
CA LEU A 88 -0.86 -0.60 -7.91
C LEU A 88 -1.34 -0.28 -9.33
N GLU A 89 -1.76 -1.32 -10.06
CA GLU A 89 -2.35 -1.16 -11.39
C GLU A 89 -3.62 -0.27 -11.31
N LEU A 90 -4.46 -0.50 -10.29
CA LEU A 90 -5.70 0.29 -10.16
C LEU A 90 -5.39 1.73 -9.75
N SER A 91 -4.30 1.93 -8.98
N SER A 91 -4.31 1.92 -8.98
CA SER A 91 -3.83 3.25 -8.59
CA SER A 91 -3.82 3.23 -8.59
C SER A 91 -3.50 4.10 -9.81
C SER A 91 -3.51 4.09 -9.81
N LEU A 92 -2.87 3.47 -10.81
CA LEU A 92 -2.60 4.12 -12.10
C LEU A 92 -3.91 4.49 -12.81
N ARG A 93 -4.88 3.56 -12.75
CA ARG A 93 -6.12 3.78 -13.45
C ARG A 93 -6.95 4.92 -12.83
N GLU A 94 -6.92 5.00 -11.50
CA GLU A 94 -7.52 6.13 -10.78
C GLU A 94 -6.95 7.45 -11.24
N ALA A 95 -5.61 7.56 -11.24
CA ALA A 95 -4.93 8.77 -11.57
C ALA A 95 -5.23 9.22 -13.03
N LEU A 96 -5.22 8.25 -13.95
CA LEU A 96 -5.48 8.51 -15.33
C LEU A 96 -6.92 9.08 -15.51
N GLN A 97 -7.89 8.38 -14.92
CA GLN A 97 -9.29 8.73 -15.02
C GLN A 97 -9.60 10.12 -14.43
N LEU A 98 -8.85 10.49 -13.38
CA LEU A 98 -8.95 11.77 -12.71
C LEU A 98 -8.16 12.88 -13.45
N GLY A 99 -7.38 12.50 -14.48
CA GLY A 99 -6.67 13.45 -15.33
C GLY A 99 -5.33 13.85 -14.75
N HIS A 100 -4.81 13.03 -13.85
CA HIS A 100 -3.53 13.25 -13.17
C HIS A 100 -2.45 12.41 -13.86
N ASN A 101 -1.28 13.01 -14.12
CA ASN A 101 -0.22 12.40 -14.94
C ASN A 101 0.70 11.53 -14.06
N TYR A 102 0.58 11.71 -12.74
CA TYR A 102 1.40 11.10 -11.71
CA TYR A 102 1.40 11.01 -11.77
C TYR A 102 0.50 10.30 -10.78
N ILE A 103 1.07 9.34 -10.06
CA ILE A 103 0.36 8.57 -9.04
C ILE A 103 0.81 9.06 -7.68
N GLY A 104 -0.07 9.73 -6.93
CA GLY A 104 0.23 10.24 -5.60
C GLY A 104 -0.24 9.26 -4.54
N THR A 105 0.02 9.60 -3.28
CA THR A 105 -0.48 8.78 -2.16
C THR A 105 -1.98 8.61 -2.21
N GLU A 106 -2.70 9.68 -2.57
CA GLU A 106 -4.16 9.62 -2.71
C GLU A 106 -4.61 8.48 -3.68
N HIS A 107 -3.86 8.28 -4.76
CA HIS A 107 -4.25 7.34 -5.77
C HIS A 107 -3.99 5.89 -5.32
N ILE A 108 -2.90 5.71 -4.60
CA ILE A 108 -2.63 4.40 -3.96
C ILE A 108 -3.75 4.02 -3.01
N LEU A 109 -4.20 4.95 -2.14
CA LEU A 109 -5.32 4.67 -1.27
C LEU A 109 -6.64 4.40 -2.01
N LEU A 110 -6.93 5.24 -3.02
CA LEU A 110 -8.10 5.03 -3.87
C LEU A 110 -8.07 3.64 -4.58
N GLY A 111 -6.88 3.26 -5.06
CA GLY A 111 -6.66 1.98 -5.70
C GLY A 111 -6.95 0.84 -4.72
N LEU A 112 -6.44 0.98 -3.49
CA LEU A 112 -6.68 -0.02 -2.45
C LEU A 112 -8.16 -0.22 -2.14
N ILE A 113 -8.89 0.91 -2.07
CA ILE A 113 -10.32 0.92 -1.80
C ILE A 113 -11.11 0.27 -2.94
N ARG A 114 -10.66 0.53 -4.16
CA ARG A 114 -11.28 0.08 -5.42
C ARG A 114 -11.10 -1.44 -5.60
N GLU A 115 -9.89 -1.93 -5.34
CA GLU A 115 -9.66 -3.39 -5.31
C GLU A 115 -10.60 -4.00 -4.25
N GLY A 116 -10.54 -3.46 -3.04
CA GLY A 116 -11.53 -3.63 -2.01
C GLY A 116 -11.72 -5.00 -1.36
N GLU A 117 -10.81 -5.94 -1.61
CA GLU A 117 -11.01 -7.31 -1.11
C GLU A 117 -9.86 -7.93 -0.30
N GLY A 118 -8.68 -7.35 -0.38
CA GLY A 118 -7.51 -7.89 0.27
C GLY A 118 -7.49 -7.70 1.78
N VAL A 119 -6.34 -7.99 2.35
CA VAL A 119 -6.10 -7.91 3.78
C VAL A 119 -6.25 -6.47 4.32
N ALA A 120 -5.73 -5.48 3.58
CA ALA A 120 -5.88 -4.10 3.95
C ALA A 120 -7.38 -3.73 4.10
N ALA A 121 -8.18 -4.08 3.09
CA ALA A 121 -9.65 -3.84 3.08
C ALA A 121 -10.33 -4.45 4.30
N GLN A 122 -10.00 -5.72 4.57
CA GLN A 122 -10.43 -6.41 5.75
C GLN A 122 -10.03 -5.70 7.05
N VAL A 123 -8.80 -5.21 7.10
CA VAL A 123 -8.32 -4.52 8.30
C VAL A 123 -9.14 -3.22 8.51
N LEU A 124 -9.30 -2.44 7.43
CA LEU A 124 -10.00 -1.18 7.46
C LEU A 124 -11.41 -1.34 8.02
N VAL A 125 -12.12 -2.36 7.52
CA VAL A 125 -13.46 -2.68 8.01
C VAL A 125 -13.41 -3.10 9.49
N LYS A 126 -12.50 -4.01 9.86
CA LYS A 126 -12.36 -4.41 11.29
C LYS A 126 -12.14 -3.23 12.23
N LEU A 127 -11.46 -2.19 11.73
CA LEU A 127 -11.22 -0.96 12.47
C LEU A 127 -12.36 0.08 12.33
N GLY A 128 -13.47 -0.32 11.69
CA GLY A 128 -14.67 0.50 11.58
C GLY A 128 -14.67 1.59 10.52
N ALA A 129 -13.76 1.49 9.55
CA ALA A 129 -13.71 2.44 8.44
C ALA A 129 -14.25 1.80 7.19
N GLU A 130 -15.52 2.09 6.88
CA GLU A 130 -16.13 1.66 5.62
C GLU A 130 -15.37 2.28 4.44
N LEU A 131 -15.10 1.45 3.42
CA LEU A 131 -14.23 1.80 2.36
C LEU A 131 -14.74 3.00 1.57
N THR A 132 -16.07 3.06 1.44
CA THR A 132 -16.75 4.13 0.68
C THR A 132 -16.36 5.51 1.21
N ARG A 133 -16.44 5.66 2.53
CA ARG A 133 -16.10 6.93 3.10
C ARG A 133 -14.61 7.26 2.93
N VAL A 134 -13.72 6.25 2.87
CA VAL A 134 -12.33 6.53 2.78
C VAL A 134 -12.14 7.22 1.44
N ARG A 135 -12.87 6.74 0.43
CA ARG A 135 -12.87 7.36 -0.86
C ARG A 135 -13.30 8.80 -0.69
N GLN A 136 -14.37 9.00 0.08
CA GLN A 136 -15.02 10.30 0.28
C GLN A 136 -14.06 11.28 0.93
N GLN A 137 -13.61 10.91 2.14
CA GLN A 137 -12.64 11.67 2.94
C GLN A 137 -11.36 12.03 2.16
N VAL A 138 -10.88 11.10 1.34
CA VAL A 138 -9.80 11.35 0.40
C VAL A 138 -10.14 12.45 -0.65
N ILE A 139 -11.05 12.17 -1.60
CA ILE A 139 -11.29 13.10 -2.74
C ILE A 139 -11.70 14.50 -2.23
N GLN A 140 -12.21 14.54 -0.99
CA GLN A 140 -12.50 15.76 -0.26
C GLN A 140 -11.22 16.53 0.11
N LEU A 141 -10.24 15.83 0.71
CA LEU A 141 -8.93 16.43 0.99
C LEU A 141 -8.36 16.94 -0.33
N LEU A 142 -8.59 16.20 -1.42
CA LEU A 142 -8.34 16.70 -2.73
C LEU A 142 -9.41 17.74 -3.02
N GLY B 1 10.62 -4.52 -8.84
CA GLY B 1 9.52 -4.77 -9.78
C GLY B 1 8.31 -5.47 -9.23
N LEU B 2 7.52 -6.04 -10.15
CA LEU B 2 6.21 -6.56 -9.87
C LEU B 2 6.14 -8.09 -9.96
N ARG B 3 7.31 -8.76 -10.09
CA ARG B 3 7.38 -10.23 -10.13
C ARG B 3 8.28 -10.80 -9.03
N ARG B 4 9.11 -11.81 -9.34
N ARG B 4 9.09 -11.84 -9.32
CA ARG B 4 9.60 -12.74 -8.30
CA ARG B 4 9.64 -12.75 -8.29
C ARG B 4 11.11 -13.01 -8.19
C ARG B 4 11.14 -12.92 -8.18
N LEU B 5 11.81 -13.15 -9.32
CA LEU B 5 13.22 -13.67 -9.31
C LEU B 5 14.31 -12.88 -8.57
N PHE B 6 14.62 -11.66 -9.01
CA PHE B 6 15.67 -10.90 -8.31
C PHE B 6 15.26 -9.49 -8.01
N ALA B 7 16.11 -8.79 -7.22
CA ALA B 7 15.74 -7.51 -6.62
C ALA B 7 15.58 -6.41 -7.67
N ASP B 8 14.43 -5.74 -7.63
CA ASP B 8 14.29 -4.44 -8.22
C ASP B 8 15.25 -3.45 -7.57
N GLN B 9 15.37 -2.24 -8.13
CA GLN B 9 16.28 -1.23 -7.56
C GLN B 9 15.83 -0.79 -6.17
N LEU B 10 14.55 -0.48 -6.06
CA LEU B 10 13.96 0.02 -4.81
C LEU B 10 13.09 -0.99 -4.07
N VAL B 11 12.04 -1.47 -4.75
N VAL B 11 11.99 -1.41 -4.70
CA VAL B 11 11.04 -2.30 -4.10
CA VAL B 11 11.07 -2.33 -4.07
C VAL B 11 10.61 -3.44 -4.99
C VAL B 11 10.66 -3.45 -4.99
N GLY B 12 10.40 -4.61 -4.38
CA GLY B 12 9.90 -5.74 -5.08
C GLY B 12 10.97 -6.48 -5.85
N ARG B 13 10.49 -7.39 -6.70
CA ARG B 13 11.34 -8.29 -7.42
C ARG B 13 10.84 -8.35 -8.83
N ARG B 14 11.72 -8.80 -9.73
CA ARG B 14 11.45 -8.92 -11.15
C ARG B 14 11.97 -10.26 -11.68
N ASN B 15 11.45 -10.64 -12.84
CA ASN B 15 11.85 -11.78 -13.58
C ASN B 15 12.63 -11.38 -14.83
C ILM B 16 13.73 -11.26 -17.56
N ILM B 16 13.58 -12.33 -15.31
O ILM B 16 12.66 -11.68 -17.95
OXT ILM B 16 14.33 -10.19 -18.13
CA ILM B 16 14.49 -11.88 -16.40
CB ILM B 16 15.24 -13.17 -16.89
CD1 ILM B 16 16.49 -15.11 -15.90
CE1 ILM B 16 13.72 -9.51 -19.25
CG1 ILM B 16 16.21 -13.61 -15.79
CG2 ILM B 16 15.98 -12.90 -18.20
C ACT C . -3.28 -9.05 -0.06
O ACT C . -4.12 -8.31 0.47
OXT ACT C . -3.31 -10.33 -0.11
CH3 ACT C . -2.17 -8.39 -0.72
C ACT D . 8.55 9.62 6.40
O ACT D . 8.88 9.59 5.20
OXT ACT D . 8.24 8.60 7.06
CH3 ACT D . 8.52 10.98 7.10
#